data_9GS7
#
_entry.id   9GS7
#
_cell.length_a   1.00
_cell.length_b   1.00
_cell.length_c   1.00
_cell.angle_alpha   90.00
_cell.angle_beta   90.00
_cell.angle_gamma   90.00
#
_symmetry.space_group_name_H-M   'P 1'
#
loop_
_entity.id
_entity.type
_entity.pdbx_description
1 polymer 'Solute carrier family 35 member B1'
2 polymer Fv-MBP
3 non-polymer 'PHOSPHOAMINOPHOSPHONIC ACID-ADENYLATE ESTER'
#
loop_
_entity_poly.entity_id
_entity_poly.type
_entity_poly.pdbx_seq_one_letter_code
_entity_poly.pdbx_strand_id
1 'polypeptide(L)'
;MASSSSLVPDRLRLPLCFLGVFVCYFYYGILQAKITRGKYGEGAKQETFTFALTLVFIQCVINAVFAKILIQFFDTARVD
HTRSWLYAACSISYLGAMVSSNSALQFVNYPTQVLGKSCKPIPVMLLGVTLLKKKYPLAKYLCVLLIVAGVALFMYKPKK
VVGIEEHTVGYGELLLLLSLTLDGLTGVSQDHMRAHYQTGSNHMMLNINLWSTLLLGMGILFTGELWEFLSFAERYPAII
YNILLFGLTSALGQSFIFMTVVYFGPLTCSIITTTRKFFTILASVILFANPISPMQWVGTVLVFLGLGLDAKFGKGAKKT
SHGENLYFQ
;
A
2 'polypeptide(L)'
;DIVMTQSPASLTVSLGQSVTISCRASENVEYYGTSLMQWYQQKPGQPPKFLIYGASNIESGVPARFSGSGSGTDFSLNIH
PVEEDDIAMYFCQQSRKVPYTFGSGTKLEIKGSGKIEEGKLVIWINGDKGYNGLAEVGKKFEKDTGIKVTVEHPDKLEEK
FPQVAATGDGPDIIFWAHDRFGGYAQSGLLAEITPDKAFQDKLYPFTWDAVRYNGKLIAYPIAVEALSLIYNKDLLPNPP
KTWEEIPALDKELKAKGKSALMFNLQEPYFTWPLIAADGGYAFKYENGKYDIKDVGVDNAGAKAGLTFLVDLIKNKHMNA
DTDYSIAEAAFNKGETAMTINGPWAWSNIDTSKVNYGVTVLPTFKGQPSKPFVGVLSAGINAASPNKELAKEFLENYLLT
DEGLEAVNKDKPLGAVALKSYEEELVKDPRIAATMENAQKGEIMPNIPQMSAFWYAVRTAVINAASGRQTVDEALKDAQT
NALGSGEVQLQESGPGLVKPSQSLSLTCSVTGYSITSDYYWNWIRQFPGNKLEWMAYIRYDGTSDYNPSLKNRISITRDT
SKNQFFLKLNSVATEDTATYYCARAYYYDGINFDYWGQGTTLTVSSENLYFQ
;
B
#
loop_
_chem_comp.id
_chem_comp.type
_chem_comp.name
_chem_comp.formula
ANP non-polymer 'PHOSPHOAMINOPHOSPHONIC ACID-ADENYLATE ESTER' 'C10 H17 N6 O12 P3'
#
# COMPACT_ATOMS: atom_id res chain seq x y z
N LEU A 7 16.84 -4.46 0.01
CA LEU A 7 17.91 -3.56 -0.42
C LEU A 7 18.49 -4.01 -1.75
N VAL A 8 18.02 -3.40 -2.83
CA VAL A 8 18.51 -3.70 -4.18
C VAL A 8 18.67 -2.41 -4.96
N PRO A 9 19.69 -2.34 -5.81
CA PRO A 9 19.83 -1.15 -6.67
C PRO A 9 18.60 -0.96 -7.54
N ASP A 10 18.21 0.31 -7.72
CA ASP A 10 17.03 0.60 -8.51
C ASP A 10 17.20 0.17 -9.96
N ARG A 11 18.39 0.39 -10.53
CA ARG A 11 18.62 0.02 -11.92
C ARG A 11 18.45 -1.47 -12.13
N LEU A 12 18.95 -2.28 -11.19
CA LEU A 12 18.83 -3.73 -11.26
C LEU A 12 17.62 -4.25 -10.50
N ARG A 13 16.55 -3.46 -10.43
CA ARG A 13 15.33 -3.86 -9.73
C ARG A 13 14.39 -4.63 -10.66
N LEU A 14 13.98 -4.00 -11.76
CA LEU A 14 13.10 -4.69 -12.71
C LEU A 14 13.72 -5.98 -13.23
N PRO A 15 15.00 -6.02 -13.63
CA PRO A 15 15.58 -7.30 -14.07
C PRO A 15 15.46 -8.39 -13.01
N LEU A 16 15.64 -8.04 -11.74
CA LEU A 16 15.52 -9.04 -10.68
C LEU A 16 14.12 -9.62 -10.64
N CYS A 17 13.10 -8.76 -10.70
CA CYS A 17 11.73 -9.24 -10.67
C CYS A 17 11.43 -10.11 -11.89
N PHE A 18 11.87 -9.68 -13.07
CA PHE A 18 11.63 -10.46 -14.27
C PHE A 18 12.28 -11.83 -14.18
N LEU A 19 13.55 -11.87 -13.76
CA LEU A 19 14.24 -13.15 -13.63
C LEU A 19 13.54 -14.05 -12.61
N GLY A 20 13.16 -13.48 -11.47
CA GLY A 20 12.52 -14.29 -10.44
C GLY A 20 11.22 -14.90 -10.92
N VAL A 21 10.35 -14.08 -11.51
CA VAL A 21 9.06 -14.60 -11.97
C VAL A 21 9.26 -15.62 -13.09
N PHE A 22 10.16 -15.32 -14.03
CA PHE A 22 10.38 -16.23 -15.15
C PHE A 22 10.89 -17.58 -14.66
N VAL A 23 11.84 -17.57 -13.72
CA VAL A 23 12.40 -18.83 -13.24
C VAL A 23 11.38 -19.60 -12.41
N CYS A 24 10.63 -18.91 -11.55
CA CYS A 24 9.72 -19.60 -10.65
C CYS A 24 8.55 -20.20 -11.42
N TYR A 25 7.91 -19.42 -12.29
CA TYR A 25 6.65 -19.88 -12.86
C TYR A 25 6.83 -20.98 -13.90
N PHE A 26 8.04 -21.15 -14.45
CA PHE A 26 8.28 -22.28 -15.34
C PHE A 26 8.12 -23.60 -14.59
N TYR A 27 8.82 -23.73 -13.47
CA TYR A 27 8.64 -24.91 -12.62
C TYR A 27 7.24 -24.98 -12.05
N TYR A 28 6.64 -23.83 -11.73
CA TYR A 28 5.24 -23.82 -11.30
C TYR A 28 4.36 -24.53 -12.31
N GLY A 29 4.47 -24.15 -13.58
CA GLY A 29 3.65 -24.78 -14.61
C GLY A 29 3.98 -26.25 -14.79
N ILE A 30 5.27 -26.60 -14.76
CA ILE A 30 5.65 -28.00 -14.92
C ILE A 30 5.00 -28.85 -13.84
N LEU A 31 5.10 -28.41 -12.59
CA LEU A 31 4.55 -29.20 -11.49
C LEU A 31 3.04 -29.17 -11.49
N GLN A 32 2.42 -28.06 -11.89
CA GLN A 32 0.97 -28.03 -12.01
C GLN A 32 0.49 -29.06 -13.02
N ALA A 33 1.17 -29.15 -14.16
CA ALA A 33 0.83 -30.17 -15.14
C ALA A 33 1.01 -31.56 -14.56
N LYS A 34 2.17 -31.80 -13.93
CA LYS A 34 2.45 -33.13 -13.38
C LYS A 34 1.40 -33.55 -12.37
N ILE A 35 0.92 -32.61 -11.56
CA ILE A 35 -0.07 -32.94 -10.53
C ILE A 35 -1.44 -33.12 -11.15
N THR A 36 -1.91 -32.11 -11.88
CA THR A 36 -3.28 -32.14 -12.39
C THR A 36 -3.50 -33.29 -13.36
N ARG A 37 -2.56 -33.53 -14.26
CA ARG A 37 -2.74 -34.61 -15.23
C ARG A 37 -2.81 -35.94 -14.48
N GLY A 38 -1.72 -36.34 -13.84
CA GLY A 38 -1.75 -37.47 -12.93
C GLY A 38 -2.04 -38.80 -13.61
N LYS A 39 -1.63 -39.89 -12.97
CA LYS A 39 -2.00 -41.23 -13.40
C LYS A 39 -2.62 -42.05 -12.28
N TYR A 40 -2.08 -41.95 -11.06
CA TYR A 40 -2.65 -42.63 -9.90
C TYR A 40 -2.98 -44.09 -10.21
N GLY A 41 -4.21 -44.50 -9.97
CA GLY A 41 -4.60 -45.87 -10.24
C GLY A 41 -4.39 -46.26 -11.69
N GLU A 42 -4.56 -47.55 -11.96
CA GLU A 42 -4.35 -48.13 -13.28
C GLU A 42 -5.69 -48.41 -13.94
N GLY A 43 -5.78 -48.07 -15.22
CA GLY A 43 -7.02 -48.31 -15.95
C GLY A 43 -8.18 -47.56 -15.32
N ALA A 44 -9.27 -48.27 -15.08
CA ALA A 44 -10.44 -47.66 -14.48
C ALA A 44 -10.15 -47.12 -13.09
N LYS A 45 -9.10 -47.60 -12.43
CA LYS A 45 -8.71 -47.10 -11.12
C LYS A 45 -8.06 -45.72 -11.20
N GLN A 46 -7.81 -45.21 -12.41
CA GLN A 46 -7.13 -43.93 -12.59
C GLN A 46 -7.59 -42.87 -11.58
N GLU A 47 -8.89 -42.67 -11.45
CA GLU A 47 -9.44 -41.65 -10.55
C GLU A 47 -8.76 -40.31 -10.80
N THR A 48 -8.83 -39.84 -12.05
CA THR A 48 -8.12 -38.64 -12.45
C THR A 48 -8.40 -37.51 -11.47
N PHE A 49 -7.38 -36.66 -11.27
CA PHE A 49 -7.49 -35.55 -10.32
C PHE A 49 -8.44 -34.50 -10.89
N THR A 50 -9.48 -34.17 -10.13
CA THR A 50 -10.50 -33.23 -10.57
C THR A 50 -10.76 -32.12 -9.56
N PHE A 51 -10.00 -32.06 -8.46
CA PHE A 51 -10.24 -31.09 -7.40
C PHE A 51 -9.27 -29.92 -7.58
N ALA A 52 -9.59 -29.08 -8.57
CA ALA A 52 -8.76 -27.91 -8.82
C ALA A 52 -8.94 -26.85 -7.73
N LEU A 53 -10.16 -26.67 -7.25
CA LEU A 53 -10.40 -25.67 -6.21
C LEU A 53 -9.62 -25.99 -4.95
N THR A 54 -9.52 -27.27 -4.60
CA THR A 54 -8.72 -27.66 -3.44
C THR A 54 -7.25 -27.32 -3.66
N LEU A 55 -6.75 -27.53 -4.88
CA LEU A 55 -5.38 -27.13 -5.19
C LEU A 55 -5.18 -25.64 -4.99
N VAL A 56 -6.12 -24.83 -5.47
CA VAL A 56 -5.97 -23.38 -5.32
C VAL A 56 -6.02 -23.01 -3.84
N PHE A 57 -6.89 -23.66 -3.07
CA PHE A 57 -6.97 -23.40 -1.64
C PHE A 57 -5.66 -23.72 -0.94
N ILE A 58 -5.08 -24.88 -1.26
CA ILE A 58 -3.82 -25.28 -0.64
C ILE A 58 -2.72 -24.29 -1.04
N GLN A 59 -2.69 -23.89 -2.30
CA GLN A 59 -1.69 -22.93 -2.75
C GLN A 59 -1.84 -21.60 -2.01
N CYS A 60 -3.09 -21.15 -1.82
CA CYS A 60 -3.31 -19.89 -1.12
C CYS A 60 -2.84 -19.96 0.32
N VAL A 61 -3.16 -21.05 1.02
CA VAL A 61 -2.74 -21.15 2.41
C VAL A 61 -1.22 -21.24 2.51
N ILE A 62 -0.58 -21.96 1.58
CA ILE A 62 0.87 -22.06 1.59
C ILE A 62 1.49 -20.69 1.37
N ASN A 63 0.96 -19.93 0.41
CA ASN A 63 1.48 -18.59 0.16
C ASN A 63 1.29 -17.69 1.37
N ALA A 64 0.14 -17.79 2.03
CA ALA A 64 -0.08 -16.98 3.23
C ALA A 64 0.92 -17.31 4.32
N VAL A 65 1.19 -18.61 4.52
CA VAL A 65 2.17 -19.00 5.53
C VAL A 65 3.54 -18.47 5.18
N PHE A 66 3.94 -18.59 3.91
CA PHE A 66 5.26 -18.10 3.50
C PHE A 66 5.36 -16.59 3.69
N ALA A 67 4.29 -15.86 3.36
CA ALA A 67 4.29 -14.41 3.54
C ALA A 67 4.42 -14.04 5.01
N LYS A 68 3.70 -14.76 5.88
CA LYS A 68 3.83 -14.49 7.31
C LYS A 68 5.25 -14.76 7.79
N ILE A 69 5.87 -15.84 7.30
CA ILE A 69 7.25 -16.13 7.66
C ILE A 69 8.15 -14.96 7.24
N LEU A 70 7.99 -14.49 6.01
CA LEU A 70 8.81 -13.39 5.52
C LEU A 70 8.62 -12.14 6.37
N ILE A 71 7.36 -11.82 6.70
CA ILE A 71 7.08 -10.62 7.50
C ILE A 71 7.74 -10.73 8.86
N GLN A 72 7.56 -11.88 9.53
CA GLN A 72 8.09 -12.03 10.88
C GLN A 72 9.61 -11.99 10.89
N PHE A 73 10.26 -12.64 9.92
CA PHE A 73 11.71 -12.75 9.93
C PHE A 73 12.40 -11.55 9.30
N PHE A 74 11.78 -10.90 8.33
CA PHE A 74 12.37 -9.76 7.66
C PHE A 74 11.32 -8.68 7.45
N ASP A 75 11.79 -7.45 7.28
CA ASP A 75 10.92 -6.29 7.07
C ASP A 75 9.92 -6.14 8.21
N THR A 76 10.44 -6.26 9.45
CA THR A 76 9.61 -6.12 10.63
C THR A 76 9.46 -4.65 10.99
N ALA A 77 8.72 -4.39 12.07
CA ALA A 77 8.51 -3.03 12.58
C ALA A 77 7.93 -2.13 11.48
N ARG A 78 6.74 -2.50 11.01
CA ARG A 78 6.08 -1.76 9.95
C ARG A 78 4.58 -2.02 10.06
N VAL A 79 3.83 -1.01 10.47
CA VAL A 79 2.38 -1.14 10.57
C VAL A 79 1.78 -1.20 9.17
N ASP A 80 0.64 -1.91 9.06
CA ASP A 80 0.07 -2.15 7.74
C ASP A 80 -0.50 -0.88 7.13
N HIS A 81 -1.28 -0.12 7.91
CA HIS A 81 -1.93 1.12 7.49
C HIS A 81 -3.02 0.92 6.45
N THR A 82 -3.30 -0.31 6.02
CA THR A 82 -4.26 -0.57 4.97
C THR A 82 -5.58 -1.04 5.56
N ARG A 83 -6.69 -0.60 4.98
CA ARG A 83 -8.00 -1.00 5.43
C ARG A 83 -8.30 -2.43 4.98
N SER A 84 -8.92 -3.21 5.87
CA SER A 84 -9.16 -4.62 5.57
C SER A 84 -10.10 -4.78 4.38
N TRP A 85 -11.13 -3.92 4.28
CA TRP A 85 -12.10 -4.08 3.21
C TRP A 85 -11.44 -3.97 1.83
N LEU A 86 -10.37 -3.20 1.71
CA LEU A 86 -9.64 -3.16 0.45
C LEU A 86 -9.04 -4.52 0.12
N TYR A 87 -8.44 -5.17 1.11
CA TYR A 87 -7.91 -6.51 0.89
C TYR A 87 -9.02 -7.47 0.51
N ALA A 88 -10.18 -7.37 1.18
CA ALA A 88 -11.29 -8.26 0.84
C ALA A 88 -11.75 -8.04 -0.59
N ALA A 89 -11.85 -6.78 -1.01
CA ALA A 89 -12.27 -6.48 -2.38
C ALA A 89 -11.27 -7.03 -3.39
N CYS A 90 -9.98 -6.84 -3.14
CA CYS A 90 -8.98 -7.38 -4.05
C CYS A 90 -9.08 -8.89 -4.12
N SER A 91 -9.27 -9.55 -2.97
CA SER A 91 -9.36 -11.00 -2.96
C SER A 91 -10.57 -11.49 -3.74
N ILE A 92 -11.72 -10.85 -3.56
CA ILE A 92 -12.92 -11.30 -4.27
C ILE A 92 -12.75 -11.11 -5.77
N SER A 93 -12.17 -9.98 -6.17
CA SER A 93 -11.94 -9.75 -7.59
C SER A 93 -11.00 -10.80 -8.17
N TYR A 94 -9.91 -11.09 -7.45
CA TYR A 94 -8.95 -12.09 -7.93
C TYR A 94 -9.62 -13.45 -8.08
N LEU A 95 -10.37 -13.86 -7.05
CA LEU A 95 -11.00 -15.17 -7.07
C LEU A 95 -12.04 -15.27 -8.18
N GLY A 96 -12.84 -14.21 -8.36
CA GLY A 96 -13.82 -14.21 -9.42
C GLY A 96 -13.18 -14.30 -10.79
N ALA A 97 -12.10 -13.54 -11.01
CA ALA A 97 -11.40 -13.61 -12.27
C ALA A 97 -10.86 -15.01 -12.53
N MET A 98 -10.26 -15.63 -11.51
CA MET A 98 -9.69 -16.96 -11.70
C MET A 98 -10.78 -17.98 -11.99
N VAL A 99 -11.90 -17.90 -11.25
CA VAL A 99 -12.99 -18.83 -11.48
C VAL A 99 -13.53 -18.69 -12.90
N SER A 100 -13.80 -17.45 -13.32
CA SER A 100 -14.34 -17.23 -14.65
C SER A 100 -13.37 -17.71 -15.73
N SER A 101 -12.08 -17.44 -15.56
CA SER A 101 -11.10 -17.89 -16.53
C SER A 101 -11.07 -19.41 -16.62
N ASN A 102 -11.09 -20.09 -15.46
CA ASN A 102 -11.03 -21.54 -15.47
C ASN A 102 -12.31 -22.16 -16.01
N SER A 103 -13.44 -21.45 -15.90
CA SER A 103 -14.73 -21.99 -16.32
C SER A 103 -15.09 -21.65 -17.76
N ALA A 104 -14.24 -20.91 -18.47
CA ALA A 104 -14.48 -20.56 -19.86
C ALA A 104 -13.82 -21.51 -20.85
N LEU A 105 -13.15 -22.57 -20.36
CA LEU A 105 -12.44 -23.46 -21.26
C LEU A 105 -13.38 -24.17 -22.22
N GLN A 106 -14.53 -24.63 -21.72
CA GLN A 106 -15.43 -25.48 -22.49
C GLN A 106 -16.51 -24.69 -23.22
N PHE A 107 -16.25 -23.42 -23.54
CA PHE A 107 -17.19 -22.61 -24.29
C PHE A 107 -16.56 -21.80 -25.42
N VAL A 108 -15.23 -21.68 -25.46
CA VAL A 108 -14.54 -20.87 -26.46
C VAL A 108 -13.47 -21.73 -27.11
N ASN A 109 -13.37 -21.63 -28.44
CA ASN A 109 -12.41 -22.43 -29.21
C ASN A 109 -11.32 -21.58 -29.84
N TYR A 110 -11.68 -20.56 -30.63
CA TYR A 110 -10.65 -19.77 -31.29
C TYR A 110 -9.91 -18.88 -30.31
N PRO A 111 -10.57 -17.96 -29.59
CA PRO A 111 -9.86 -17.21 -28.53
C PRO A 111 -9.81 -17.96 -27.21
N THR A 112 -9.44 -19.25 -27.25
CA THR A 112 -9.34 -20.06 -26.04
C THR A 112 -7.97 -19.84 -25.42
N GLN A 113 -7.88 -18.82 -24.56
CA GLN A 113 -6.68 -18.34 -23.90
C GLN A 113 -5.80 -17.55 -24.86
N VAL A 114 -6.12 -17.51 -26.16
CA VAL A 114 -5.40 -16.63 -27.07
C VAL A 114 -5.75 -15.17 -26.79
N LEU A 115 -7.02 -14.90 -26.51
CA LEU A 115 -7.48 -13.58 -26.11
C LEU A 115 -7.87 -13.51 -24.64
N GLY A 116 -8.26 -14.64 -24.04
CA GLY A 116 -8.51 -14.67 -22.61
C GLY A 116 -7.27 -14.23 -21.86
N LYS A 117 -6.13 -14.77 -22.28
CA LYS A 117 -4.83 -14.23 -21.93
C LYS A 117 -4.18 -13.65 -23.18
N SER A 118 -3.08 -12.93 -22.98
CA SER A 118 -2.43 -12.09 -23.97
C SER A 118 -3.19 -10.78 -24.17
N CYS A 119 -4.34 -10.60 -23.53
CA CYS A 119 -5.05 -9.33 -23.49
C CYS A 119 -5.24 -8.87 -22.04
N LYS A 120 -4.43 -9.42 -21.14
CA LYS A 120 -4.50 -9.10 -19.72
C LYS A 120 -4.24 -7.62 -19.46
N PRO A 121 -3.20 -7.03 -20.06
CA PRO A 121 -2.89 -5.63 -19.72
C PRO A 121 -4.00 -4.66 -20.07
N ILE A 122 -4.52 -4.72 -21.29
CA ILE A 122 -5.44 -3.71 -21.82
C ILE A 122 -6.48 -3.36 -20.76
N PRO A 123 -7.36 -4.29 -20.36
CA PRO A 123 -8.39 -3.91 -19.38
C PRO A 123 -7.82 -3.21 -18.18
N VAL A 124 -6.81 -3.81 -17.53
CA VAL A 124 -6.18 -3.15 -16.39
C VAL A 124 -5.87 -1.71 -16.74
N MET A 125 -5.06 -1.51 -17.79
CA MET A 125 -4.70 -0.16 -18.19
C MET A 125 -5.96 0.68 -18.38
N LEU A 126 -6.90 0.19 -19.18
CA LEU A 126 -8.11 0.96 -19.44
C LEU A 126 -8.81 1.27 -18.12
N LEU A 127 -8.94 0.27 -17.26
CA LEU A 127 -9.62 0.50 -15.99
C LEU A 127 -8.88 1.56 -15.19
N GLY A 128 -7.56 1.50 -15.16
CA GLY A 128 -6.80 2.52 -14.46
C GLY A 128 -7.07 3.90 -15.00
N VAL A 129 -7.30 4.01 -16.31
CA VAL A 129 -7.60 5.30 -16.91
C VAL A 129 -8.97 5.78 -16.46
N THR A 130 -9.92 4.86 -16.28
CA THR A 130 -11.31 5.24 -16.03
C THR A 130 -11.58 5.46 -14.54
N LEU A 131 -11.23 4.49 -13.70
CA LEU A 131 -11.57 4.58 -12.29
C LEU A 131 -10.67 5.58 -11.56
N LEU A 132 -9.35 5.36 -11.61
CA LEU A 132 -8.41 6.21 -10.91
C LEU A 132 -8.04 7.48 -11.67
N LYS A 133 -8.57 7.67 -12.88
CA LYS A 133 -8.31 8.86 -13.67
C LYS A 133 -6.82 9.02 -13.96
N LYS A 134 -6.08 7.92 -13.97
CA LYS A 134 -4.67 7.98 -14.29
C LYS A 134 -4.48 8.44 -15.73
N LYS A 135 -3.23 8.78 -16.07
CA LYS A 135 -2.89 9.28 -17.39
C LYS A 135 -1.58 8.67 -17.84
N TYR A 136 -1.53 8.21 -19.09
CA TYR A 136 -0.34 7.70 -19.71
C TYR A 136 -0.13 8.37 -21.05
N PRO A 137 1.11 8.48 -21.52
CA PRO A 137 1.34 9.03 -22.86
C PRO A 137 0.83 8.09 -23.94
N LEU A 138 0.49 8.67 -25.09
CA LEU A 138 0.05 7.86 -26.22
C LEU A 138 1.08 6.79 -26.57
N ALA A 139 2.36 7.08 -26.33
CA ALA A 139 3.39 6.09 -26.59
C ALA A 139 3.17 4.84 -25.74
N LYS A 140 2.76 5.01 -24.48
CA LYS A 140 2.47 3.85 -23.64
C LYS A 140 1.30 3.05 -24.20
N TYR A 141 0.27 3.74 -24.68
CA TYR A 141 -0.86 3.04 -25.29
C TYR A 141 -0.38 2.20 -26.48
N LEU A 142 0.41 2.81 -27.36
CA LEU A 142 0.89 2.09 -28.53
C LEU A 142 1.77 0.91 -28.13
N CYS A 143 2.63 1.09 -27.13
CA CYS A 143 3.50 0.01 -26.70
C CYS A 143 2.69 -1.14 -26.14
N VAL A 144 1.70 -0.85 -25.30
CA VAL A 144 0.88 -1.90 -24.72
C VAL A 144 0.12 -2.63 -25.81
N LEU A 145 -0.45 -1.89 -26.76
CA LEU A 145 -1.20 -2.53 -27.84
C LEU A 145 -0.29 -3.42 -28.69
N LEU A 146 0.91 -2.94 -29.00
CA LEU A 146 1.84 -3.74 -29.80
C LEU A 146 2.25 -4.99 -29.05
N ILE A 147 2.53 -4.88 -27.75
CA ILE A 147 2.91 -6.05 -26.97
C ILE A 147 1.77 -7.07 -26.96
N VAL A 148 0.55 -6.59 -26.73
CA VAL A 148 -0.59 -7.50 -26.69
C VAL A 148 -0.77 -8.18 -28.04
N ALA A 149 -0.70 -7.42 -29.12
CA ALA A 149 -0.90 -8.01 -30.45
C ALA A 149 0.19 -9.03 -30.75
N GLY A 150 1.44 -8.71 -30.43
CA GLY A 150 2.52 -9.64 -30.70
C GLY A 150 2.40 -10.92 -29.90
N VAL A 151 2.08 -10.82 -28.62
CA VAL A 151 1.92 -12.01 -27.80
C VAL A 151 0.76 -12.85 -28.32
N ALA A 152 -0.37 -12.21 -28.64
CA ALA A 152 -1.54 -12.95 -29.11
C ALA A 152 -1.24 -13.65 -30.42
N LEU A 153 -0.57 -12.98 -31.35
CA LEU A 153 -0.26 -13.58 -32.64
C LEU A 153 0.83 -14.63 -32.54
N PHE A 154 1.70 -14.55 -31.53
CA PHE A 154 2.73 -15.56 -31.34
C PHE A 154 2.15 -16.86 -30.79
N MET A 155 1.18 -16.76 -29.87
CA MET A 155 0.62 -17.93 -29.22
C MET A 155 -0.40 -18.66 -30.09
N TYR A 156 -0.80 -18.09 -31.22
CA TYR A 156 -1.79 -18.74 -32.07
C TYR A 156 -1.30 -20.13 -32.48
N LYS A 157 -2.18 -21.11 -32.36
CA LYS A 157 -1.87 -22.49 -32.70
C LYS A 157 -2.83 -23.00 -33.78
N PRO A 158 -2.32 -23.75 -34.78
CA PRO A 158 -3.20 -24.32 -35.80
C PRO A 158 -4.43 -25.00 -35.22
N VAL A 169 -22.70 -17.63 -32.26
CA VAL A 169 -23.60 -16.77 -31.51
C VAL A 169 -22.85 -16.04 -30.41
N GLY A 170 -21.76 -16.64 -29.94
CA GLY A 170 -20.94 -16.03 -28.92
C GLY A 170 -21.68 -15.84 -27.61
N TYR A 171 -22.43 -16.86 -27.18
CA TYR A 171 -23.20 -16.75 -25.95
C TYR A 171 -22.32 -16.93 -24.72
N GLY A 172 -21.60 -18.05 -24.65
CA GLY A 172 -20.80 -18.35 -23.47
C GLY A 172 -19.49 -17.62 -23.37
N GLU A 173 -19.10 -16.85 -24.40
CA GLU A 173 -17.85 -16.12 -24.36
C GLU A 173 -17.90 -14.91 -23.43
N LEU A 174 -19.09 -14.54 -22.93
CA LEU A 174 -19.17 -13.44 -21.98
C LEU A 174 -18.33 -13.71 -20.73
N LEU A 175 -18.13 -14.98 -20.39
CA LEU A 175 -17.39 -15.31 -19.18
C LEU A 175 -15.96 -14.83 -19.26
N LEU A 176 -15.32 -14.96 -20.41
CA LEU A 176 -13.94 -14.49 -20.56
C LEU A 176 -13.86 -12.98 -20.41
N LEU A 177 -14.82 -12.26 -20.99
CA LEU A 177 -14.83 -10.80 -20.84
C LEU A 177 -15.03 -10.41 -19.39
N LEU A 178 -15.90 -11.12 -18.68
CA LEU A 178 -16.08 -10.85 -17.25
C LEU A 178 -14.80 -11.13 -16.48
N SER A 179 -14.08 -12.19 -16.84
CA SER A 179 -12.81 -12.49 -16.19
C SER A 179 -11.82 -11.35 -16.41
N LEU A 180 -11.72 -10.86 -17.63
CA LEU A 180 -10.80 -9.76 -17.91
C LEU A 180 -11.20 -8.51 -17.14
N THR A 181 -12.50 -8.22 -17.07
CA THR A 181 -12.95 -7.05 -16.32
C THR A 181 -12.62 -7.19 -14.84
N LEU A 182 -12.81 -8.38 -14.28
CA LEU A 182 -12.47 -8.59 -12.87
C LEU A 182 -10.98 -8.44 -12.64
N ASP A 183 -10.16 -8.91 -13.58
CA ASP A 183 -8.72 -8.74 -13.46
C ASP A 183 -8.36 -7.26 -13.47
N GLY A 184 -9.00 -6.49 -14.36
CA GLY A 184 -8.76 -5.06 -14.38
C GLY A 184 -9.16 -4.40 -13.07
N LEU A 185 -10.29 -4.81 -12.51
CA LEU A 185 -10.71 -4.26 -11.22
C LEU A 185 -9.71 -4.60 -10.12
N THR A 186 -9.19 -5.83 -10.13
CA THR A 186 -8.17 -6.20 -9.16
C THR A 186 -6.92 -5.33 -9.31
N GLY A 187 -6.50 -5.09 -10.54
CA GLY A 187 -5.36 -4.21 -10.76
C GLY A 187 -5.61 -2.80 -10.26
N VAL A 188 -6.82 -2.28 -10.50
CA VAL A 188 -7.16 -0.95 -10.01
C VAL A 188 -7.10 -0.91 -8.50
N SER A 189 -7.66 -1.93 -7.84
CA SER A 189 -7.64 -1.97 -6.38
C SER A 189 -6.21 -2.00 -5.86
N GLN A 190 -5.35 -2.82 -6.48
CA GLN A 190 -3.96 -2.89 -6.05
C GLN A 190 -3.27 -1.54 -6.23
N ASP A 191 -3.50 -0.88 -7.36
CA ASP A 191 -2.88 0.41 -7.59
C ASP A 191 -3.33 1.43 -6.55
N HIS A 192 -4.63 1.47 -6.26
CA HIS A 192 -5.13 2.39 -5.25
C HIS A 192 -4.50 2.11 -3.89
N MET A 193 -4.43 0.82 -3.52
CA MET A 193 -3.86 0.45 -2.23
C MET A 193 -2.41 0.91 -2.13
N ARG A 194 -1.61 0.60 -3.15
CA ARG A 194 -0.19 0.97 -3.09
C ARG A 194 0.00 2.47 -3.13
N ALA A 195 -0.84 3.19 -3.87
CA ALA A 195 -0.66 4.63 -4.01
C ALA A 195 -1.04 5.38 -2.75
N HIS A 196 -2.16 5.01 -2.12
CA HIS A 196 -2.68 5.81 -1.02
C HIS A 196 -2.22 5.32 0.35
N TYR A 197 -2.33 4.02 0.61
CA TYR A 197 -2.02 3.47 1.92
C TYR A 197 -0.59 2.96 2.05
N GLN A 198 0.22 3.07 0.99
CA GLN A 198 1.63 2.69 1.06
C GLN A 198 1.79 1.26 1.57
N THR A 199 0.89 0.38 1.15
CA THR A 199 0.93 -1.01 1.61
C THR A 199 2.17 -1.70 1.09
N GLY A 200 2.80 -2.50 1.94
CA GLY A 200 3.95 -3.26 1.52
C GLY A 200 3.58 -4.47 0.70
N SER A 201 4.57 -4.97 -0.05
CA SER A 201 4.33 -6.13 -0.90
C SER A 201 3.96 -7.36 -0.07
N ASN A 202 4.73 -7.63 0.98
CA ASN A 202 4.46 -8.81 1.79
C ASN A 202 3.12 -8.71 2.51
N HIS A 203 2.80 -7.52 3.05
CA HIS A 203 1.52 -7.35 3.71
C HIS A 203 0.36 -7.58 2.74
N MET A 204 0.47 -7.00 1.54
CA MET A 204 -0.58 -7.18 0.54
C MET A 204 -0.74 -8.66 0.20
N MET A 205 0.38 -9.33 -0.05
CA MET A 205 0.31 -10.74 -0.42
C MET A 205 -0.35 -11.56 0.70
N LEU A 206 0.09 -11.34 1.93
CA LEU A 206 -0.44 -12.12 3.06
C LEU A 206 -1.92 -11.88 3.24
N ASN A 207 -2.35 -10.61 3.22
CA ASN A 207 -3.77 -10.32 3.48
C ASN A 207 -4.65 -10.83 2.34
N ILE A 208 -4.25 -10.59 1.09
CA ILE A 208 -5.04 -11.06 -0.04
C ILE A 208 -5.13 -12.58 0.00
N ASN A 209 -4.03 -13.25 0.29
CA ASN A 209 -4.05 -14.71 0.33
C ASN A 209 -4.89 -15.23 1.48
N LEU A 210 -4.90 -14.54 2.63
CA LEU A 210 -5.75 -14.96 3.73
C LEU A 210 -7.23 -14.83 3.35
N TRP A 211 -7.60 -13.71 2.73
CA TRP A 211 -8.99 -13.54 2.31
C TRP A 211 -9.38 -14.60 1.28
N SER A 212 -8.51 -14.86 0.30
CA SER A 212 -8.79 -15.88 -0.69
C SER A 212 -8.90 -17.25 -0.06
N THR A 213 -8.05 -17.53 0.94
CA THR A 213 -8.12 -18.80 1.65
C THR A 213 -9.47 -18.95 2.34
N LEU A 214 -9.93 -17.88 3.00
CA LEU A 214 -11.24 -17.95 3.65
C LEU A 214 -12.34 -18.22 2.64
N LEU A 215 -12.34 -17.47 1.53
CA LEU A 215 -13.39 -17.63 0.53
C LEU A 215 -13.37 -19.04 -0.05
N LEU A 216 -12.20 -19.54 -0.44
CA LEU A 216 -12.11 -20.86 -1.02
C LEU A 216 -12.47 -21.93 -0.01
N GLY A 217 -12.06 -21.77 1.24
CA GLY A 217 -12.43 -22.74 2.25
C GLY A 217 -13.92 -22.83 2.43
N MET A 218 -14.60 -21.67 2.45
CA MET A 218 -16.05 -21.68 2.47
C MET A 218 -16.62 -22.38 1.24
N GLY A 219 -16.00 -22.16 0.08
CA GLY A 219 -16.50 -22.75 -1.14
C GLY A 219 -16.40 -24.27 -1.16
N ILE A 220 -15.25 -24.81 -0.74
CA ILE A 220 -14.99 -26.24 -0.86
C ILE A 220 -15.54 -27.06 0.31
N LEU A 221 -16.19 -26.43 1.28
CA LEU A 221 -16.85 -27.21 2.32
C LEU A 221 -17.95 -28.08 1.75
N PHE A 222 -18.40 -27.81 0.53
CA PHE A 222 -19.30 -28.71 -0.17
C PHE A 222 -18.57 -30.01 -0.48
N THR A 223 -19.27 -31.13 -0.33
CA THR A 223 -18.63 -32.44 -0.40
C THR A 223 -17.81 -32.64 -1.67
N GLY A 224 -18.03 -31.82 -2.70
CA GLY A 224 -17.37 -32.06 -3.97
C GLY A 224 -15.85 -32.05 -3.89
N GLU A 225 -15.28 -31.18 -3.07
CA GLU A 225 -13.84 -30.96 -3.06
C GLU A 225 -13.17 -31.47 -1.79
N LEU A 226 -13.58 -30.99 -0.61
CA LEU A 226 -12.82 -31.27 0.61
C LEU A 226 -12.93 -32.73 1.00
N TRP A 227 -14.15 -33.19 1.31
CA TRP A 227 -14.33 -34.55 1.80
C TRP A 227 -14.14 -35.60 0.71
N GLU A 228 -13.84 -35.18 -0.52
CA GLU A 228 -13.44 -36.07 -1.60
C GLU A 228 -11.94 -36.04 -1.81
N PHE A 229 -11.34 -34.84 -1.84
CA PHE A 229 -9.90 -34.73 -2.01
C PHE A 229 -9.16 -35.37 -0.85
N LEU A 230 -9.68 -35.24 0.37
CA LEU A 230 -9.03 -35.86 1.52
C LEU A 230 -8.89 -37.36 1.32
N SER A 231 -10.00 -38.02 1.00
CA SER A 231 -9.96 -39.47 0.78
C SER A 231 -9.07 -39.82 -0.40
N PHE A 232 -9.18 -39.06 -1.50
CA PHE A 232 -8.39 -39.37 -2.68
C PHE A 232 -6.90 -39.29 -2.38
N ALA A 233 -6.48 -38.25 -1.66
CA ALA A 233 -5.08 -38.13 -1.26
C ALA A 233 -4.68 -39.27 -0.34
N GLU A 234 -5.56 -39.66 0.57
CA GLU A 234 -5.28 -40.84 1.38
C GLU A 234 -5.01 -42.06 0.51
N ARG A 235 -5.75 -42.21 -0.59
CA ARG A 235 -5.52 -43.33 -1.49
C ARG A 235 -4.13 -43.28 -2.11
N TYR A 236 -3.68 -42.09 -2.51
CA TYR A 236 -2.41 -41.92 -3.22
C TYR A 236 -1.58 -40.87 -2.47
N PRO A 237 -0.90 -41.27 -1.39
CA PRO A 237 -0.13 -40.28 -0.62
C PRO A 237 0.96 -39.58 -1.41
N ALA A 238 1.50 -40.24 -2.44
CA ALA A 238 2.64 -39.67 -3.17
C ALA A 238 2.34 -38.25 -3.63
N ILE A 239 1.11 -38.00 -4.08
CA ILE A 239 0.77 -36.69 -4.62
C ILE A 239 1.16 -35.59 -3.63
N ILE A 240 0.93 -35.83 -2.34
CA ILE A 240 1.24 -34.86 -1.30
C ILE A 240 2.61 -34.26 -1.58
N TYR A 241 3.62 -35.13 -1.74
CA TYR A 241 4.97 -34.64 -1.99
C TYR A 241 4.95 -33.55 -3.06
N ASN A 242 4.54 -33.92 -4.28
CA ASN A 242 4.51 -32.95 -5.36
C ASN A 242 3.73 -31.71 -4.95
N ILE A 243 2.55 -31.91 -4.37
CA ILE A 243 1.73 -30.79 -3.93
C ILE A 243 2.58 -29.81 -3.15
N LEU A 244 3.26 -30.31 -2.11
CA LEU A 244 4.06 -29.43 -1.27
C LEU A 244 5.02 -28.61 -2.12
N LEU A 245 5.80 -29.28 -2.98
CA LEU A 245 6.77 -28.55 -3.78
C LEU A 245 6.06 -27.52 -4.64
N PHE A 246 4.94 -27.91 -5.26
CA PHE A 246 4.18 -26.97 -6.06
C PHE A 246 3.86 -25.72 -5.26
N GLY A 247 3.37 -25.90 -4.03
CA GLY A 247 3.09 -24.76 -3.19
C GLY A 247 4.28 -23.84 -3.07
N LEU A 248 5.46 -24.42 -2.76
CA LEU A 248 6.66 -23.61 -2.68
C LEU A 248 6.92 -22.90 -4.00
N THR A 249 6.79 -23.63 -5.10
CA THR A 249 7.04 -23.01 -6.41
C THR A 249 6.11 -21.83 -6.63
N SER A 250 4.92 -21.86 -6.05
CA SER A 250 4.04 -20.69 -6.14
C SER A 250 4.55 -19.57 -5.25
N ALA A 251 4.90 -19.89 -4.00
CA ALA A 251 5.24 -18.86 -3.03
C ALA A 251 6.28 -17.89 -3.58
N LEU A 252 7.48 -18.40 -3.87
CA LEU A 252 8.49 -17.55 -4.48
C LEU A 252 7.94 -16.85 -5.71
N GLY A 253 7.33 -17.63 -6.61
CA GLY A 253 6.80 -17.04 -7.82
C GLY A 253 5.77 -15.97 -7.54
N GLN A 254 4.97 -16.16 -6.49
CA GLN A 254 3.99 -15.14 -6.13
C GLN A 254 4.69 -13.94 -5.49
N SER A 255 5.74 -14.19 -4.71
CA SER A 255 6.42 -13.10 -4.02
C SER A 255 6.80 -11.99 -5.01
N PHE A 256 7.61 -12.33 -6.00
CA PHE A 256 7.98 -11.35 -7.01
C PHE A 256 6.76 -10.74 -7.67
N ILE A 257 5.74 -11.57 -7.93
CA ILE A 257 4.52 -11.06 -8.55
C ILE A 257 3.90 -9.97 -7.70
N PHE A 258 3.94 -10.13 -6.38
CA PHE A 258 3.41 -9.13 -5.47
C PHE A 258 4.45 -8.09 -5.07
N MET A 259 5.69 -8.22 -5.54
CA MET A 259 6.70 -7.20 -5.32
C MET A 259 6.73 -6.20 -6.47
N THR A 260 6.82 -6.69 -7.71
CA THR A 260 6.87 -5.79 -8.85
C THR A 260 5.62 -4.91 -8.90
N VAL A 261 4.45 -5.49 -8.64
CA VAL A 261 3.22 -4.71 -8.68
C VAL A 261 3.30 -3.56 -7.69
N VAL A 262 4.04 -3.72 -6.60
CA VAL A 262 4.20 -2.62 -5.66
C VAL A 262 5.26 -1.64 -6.14
N TYR A 263 6.33 -2.14 -6.77
CA TYR A 263 7.43 -1.28 -7.18
C TYR A 263 7.18 -0.58 -8.51
N PHE A 264 6.51 -1.25 -9.45
CA PHE A 264 6.30 -0.71 -10.78
C PHE A 264 4.84 -0.67 -11.20
N GLY A 265 3.92 -1.25 -10.43
CA GLY A 265 2.51 -1.10 -10.69
C GLY A 265 1.87 -2.32 -11.33
N PRO A 266 0.54 -2.42 -11.20
CA PRO A 266 -0.15 -3.56 -11.80
C PRO A 266 0.01 -3.65 -13.30
N LEU A 267 0.12 -2.52 -14.00
CA LEU A 267 0.32 -2.58 -15.44
C LEU A 267 1.63 -3.27 -15.79
N THR A 268 2.72 -2.88 -15.13
CA THR A 268 4.00 -3.53 -15.37
C THR A 268 3.95 -4.99 -14.97
N CYS A 269 3.30 -5.29 -13.84
CA CYS A 269 3.18 -6.69 -13.44
C CYS A 269 2.44 -7.50 -14.50
N SER A 270 1.36 -6.96 -15.05
CA SER A 270 0.60 -7.66 -16.08
C SER A 270 1.43 -7.85 -17.34
N ILE A 271 2.17 -6.82 -17.76
CA ILE A 271 3.01 -6.97 -18.95
C ILE A 271 4.04 -8.06 -18.73
N ILE A 272 4.68 -8.07 -17.56
CA ILE A 272 5.69 -9.09 -17.28
C ILE A 272 5.06 -10.48 -17.31
N THR A 273 3.93 -10.65 -16.63
CA THR A 273 3.33 -11.97 -16.49
C THR A 273 2.69 -12.45 -17.79
N THR A 274 2.36 -11.54 -18.71
CA THR A 274 1.79 -11.93 -19.97
C THR A 274 2.83 -12.15 -21.06
N THR A 275 4.00 -11.51 -20.95
CA THR A 275 5.10 -11.76 -21.88
C THR A 275 6.06 -12.84 -21.40
N ARG A 276 5.90 -13.31 -20.16
CA ARG A 276 6.80 -14.35 -19.66
C ARG A 276 6.70 -15.62 -20.51
N LYS A 277 5.49 -16.02 -20.88
CA LYS A 277 5.33 -17.24 -21.67
C LYS A 277 6.02 -17.10 -23.03
N PHE A 278 5.84 -15.97 -23.69
CA PHE A 278 6.48 -15.75 -24.98
C PHE A 278 7.99 -15.76 -24.84
N PHE A 279 8.52 -15.10 -23.81
CA PHE A 279 9.97 -15.09 -23.61
C PHE A 279 10.49 -16.51 -23.36
N THR A 280 9.78 -17.28 -22.55
CA THR A 280 10.21 -18.65 -22.26
C THR A 280 10.22 -19.49 -23.52
N ILE A 281 9.18 -19.39 -24.33
CA ILE A 281 9.10 -20.18 -25.56
C ILE A 281 10.23 -19.77 -26.50
N LEU A 282 10.47 -18.47 -26.64
CA LEU A 282 11.53 -18.01 -27.53
C LEU A 282 12.89 -18.53 -27.06
N ALA A 283 13.16 -18.45 -25.76
CA ALA A 283 14.44 -18.92 -25.23
C ALA A 283 14.59 -20.43 -25.44
N SER A 284 13.53 -21.20 -25.19
CA SER A 284 13.61 -22.63 -25.39
C SER A 284 13.86 -22.98 -26.85
N VAL A 285 13.18 -22.28 -27.76
CA VAL A 285 13.39 -22.53 -29.18
C VAL A 285 14.82 -22.22 -29.58
N ILE A 286 15.35 -21.09 -29.11
CA ILE A 286 16.71 -20.70 -29.46
C ILE A 286 17.70 -21.74 -28.93
N LEU A 287 17.52 -22.18 -27.69
CA LEU A 287 18.44 -23.17 -27.13
C LEU A 287 18.36 -24.48 -27.92
N PHE A 288 17.15 -24.93 -28.24
CA PHE A 288 16.96 -26.15 -29.01
C PHE A 288 16.99 -25.92 -30.51
N ALA A 289 17.08 -24.68 -30.97
CA ALA A 289 17.09 -24.36 -32.39
C ALA A 289 15.84 -24.90 -33.09
N ASN A 290 14.73 -24.91 -32.38
CA ASN A 290 13.48 -25.40 -32.96
C ASN A 290 13.04 -24.47 -34.10
N PRO A 291 12.47 -25.03 -35.17
CA PRO A 291 12.05 -24.18 -36.31
C PRO A 291 10.73 -23.48 -36.08
N ILE A 292 10.79 -22.34 -35.38
CA ILE A 292 9.60 -21.56 -35.13
C ILE A 292 8.97 -21.15 -36.46
N SER A 293 7.63 -21.12 -36.50
CA SER A 293 6.93 -20.87 -37.74
C SER A 293 7.28 -19.47 -38.27
N PRO A 294 7.33 -19.30 -39.59
CA PRO A 294 7.64 -17.96 -40.13
C PRO A 294 6.67 -16.88 -39.67
N MET A 295 5.40 -17.22 -39.49
CA MET A 295 4.43 -16.23 -39.05
C MET A 295 4.77 -15.70 -37.67
N GLN A 296 5.18 -16.59 -36.75
CA GLN A 296 5.44 -16.17 -35.38
C GLN A 296 6.60 -15.20 -35.28
N TRP A 297 7.49 -15.18 -36.28
CA TRP A 297 8.53 -14.15 -36.33
C TRP A 297 7.90 -12.77 -36.23
N VAL A 298 6.77 -12.57 -36.90
CA VAL A 298 6.09 -11.28 -36.85
C VAL A 298 5.69 -10.96 -35.42
N GLY A 299 5.12 -11.93 -34.71
CA GLY A 299 4.68 -11.67 -33.35
C GLY A 299 5.83 -11.32 -32.44
N THR A 300 6.92 -12.09 -32.51
CA THR A 300 8.06 -11.81 -31.64
C THR A 300 8.67 -10.46 -31.98
N VAL A 301 8.76 -10.11 -33.26
CA VAL A 301 9.31 -8.81 -33.65
C VAL A 301 8.42 -7.69 -33.11
N LEU A 302 7.11 -7.84 -33.22
CA LEU A 302 6.21 -6.82 -32.71
C LEU A 302 6.38 -6.65 -31.20
N VAL A 303 6.46 -7.76 -30.47
CA VAL A 303 6.62 -7.68 -29.02
C VAL A 303 7.94 -6.98 -28.68
N PHE A 304 9.01 -7.34 -29.39
CA PHE A 304 10.31 -6.74 -29.11
C PHE A 304 10.28 -5.24 -29.37
N LEU A 305 9.69 -4.84 -30.50
CA LEU A 305 9.61 -3.41 -30.82
C LEU A 305 8.78 -2.66 -29.79
N GLY A 306 7.64 -3.24 -29.38
CA GLY A 306 6.82 -2.59 -28.38
C GLY A 306 7.56 -2.41 -27.06
N LEU A 307 8.26 -3.46 -26.61
CA LEU A 307 9.03 -3.34 -25.39
C LEU A 307 10.11 -2.29 -25.52
N GLY A 308 10.80 -2.25 -26.66
CA GLY A 308 11.85 -1.27 -26.86
C GLY A 308 11.32 0.16 -26.80
N LEU A 309 10.21 0.41 -27.49
CA LEU A 309 9.63 1.75 -27.46
C LEU A 309 9.10 2.10 -26.07
N ASP A 310 8.58 1.11 -25.33
CA ASP A 310 8.14 1.37 -23.97
C ASP A 310 9.31 1.77 -23.09
N ALA A 311 10.44 1.08 -23.22
CA ALA A 311 11.59 1.39 -22.37
C ALA A 311 12.13 2.79 -22.67
N LYS A 312 12.19 3.18 -23.94
CA LYS A 312 12.79 4.45 -24.32
C LYS A 312 12.01 5.01 -25.51
N PHE A 313 12.10 6.33 -25.67
CA PHE A 313 11.43 7.04 -26.77
C PHE A 313 9.92 6.89 -26.65
N GLY A 314 9.38 7.29 -25.51
CA GLY A 314 7.96 7.19 -25.25
C GLY A 314 7.63 6.51 -23.94
N LYS A 315 8.64 6.31 -23.10
CA LYS A 315 8.45 5.68 -21.81
C LYS A 315 7.54 6.52 -20.92
N ASP B 1 16.90 10.42 10.81
CA ASP B 1 15.49 10.79 10.49
C ASP B 1 15.46 12.00 9.56
N ILE B 2 14.35 12.15 8.85
CA ILE B 2 14.21 13.25 7.90
C ILE B 2 14.11 14.57 8.66
N VAL B 3 14.86 15.57 8.20
CA VAL B 3 14.87 16.89 8.81
C VAL B 3 14.16 17.84 7.85
N MET B 4 13.13 18.52 8.35
CA MET B 4 12.35 19.46 7.56
C MET B 4 12.82 20.88 7.86
N THR B 5 13.09 21.64 6.80
CA THR B 5 13.57 23.01 6.91
C THR B 5 12.60 23.94 6.20
N GLN B 6 12.15 24.97 6.90
CA GLN B 6 11.27 25.98 6.34
C GLN B 6 12.07 27.25 6.09
N SER B 7 12.24 27.62 4.82
CA SER B 7 13.16 28.69 4.47
C SER B 7 12.79 30.02 5.10
N PRO B 8 11.57 30.54 4.94
CA PRO B 8 11.22 31.82 5.56
C PRO B 8 10.81 31.65 7.01
N ALA B 9 11.65 32.16 7.91
CA ALA B 9 11.34 32.08 9.33
C ALA B 9 10.07 32.86 9.67
N SER B 10 9.92 34.05 9.11
CA SER B 10 8.74 34.87 9.35
C SER B 10 8.53 35.77 8.15
N LEU B 11 7.31 35.77 7.62
CA LEU B 11 6.97 36.54 6.42
C LEU B 11 6.07 37.70 6.79
N THR B 12 6.44 38.90 6.32
CA THR B 12 5.63 40.10 6.49
C THR B 12 4.96 40.40 5.15
N VAL B 13 3.64 40.27 5.11
CA VAL B 13 2.88 40.43 3.87
C VAL B 13 1.68 41.34 4.12
N SER B 14 1.19 41.96 3.06
CA SER B 14 0.02 42.81 3.10
C SER B 14 -1.22 42.01 2.71
N LEU B 15 -2.38 42.59 3.00
CA LEU B 15 -3.64 41.93 2.70
C LEU B 15 -3.83 41.78 1.18
N GLY B 16 -4.27 40.60 0.76
CA GLY B 16 -4.55 40.33 -0.62
C GLY B 16 -3.38 39.85 -1.44
N GLN B 17 -2.16 39.91 -0.90
CA GLN B 17 -0.99 39.44 -1.61
C GLN B 17 -0.93 37.92 -1.62
N SER B 18 -0.08 37.38 -2.48
CA SER B 18 0.15 35.95 -2.58
C SER B 18 1.38 35.58 -1.76
N VAL B 19 1.26 34.53 -0.95
CA VAL B 19 2.32 34.10 -0.06
C VAL B 19 2.70 32.66 -0.40
N THR B 20 4.00 32.39 -0.45
CA THR B 20 4.52 31.05 -0.70
C THR B 20 5.48 30.70 0.41
N ILE B 21 5.21 29.60 1.10
CA ILE B 21 6.04 29.10 2.19
C ILE B 21 6.73 27.84 1.70
N SER B 22 8.05 27.81 1.79
CA SER B 22 8.86 26.72 1.26
C SER B 22 9.31 25.79 2.38
N CYS B 23 9.12 24.49 2.16
CA CYS B 23 9.58 23.46 3.07
C CYS B 23 10.41 22.46 2.28
N ARG B 24 11.54 22.04 2.85
CA ARG B 24 12.44 21.10 2.20
C ARG B 24 12.75 19.95 3.15
N ALA B 25 12.95 18.77 2.59
CA ALA B 25 13.25 17.57 3.34
C ALA B 25 14.67 17.10 3.02
N SER B 26 15.31 16.49 4.03
CA SER B 26 16.67 15.99 3.85
C SER B 26 16.71 14.79 2.91
N GLU B 27 15.60 14.09 2.72
CA GLU B 27 15.54 12.94 1.84
C GLU B 27 14.23 12.98 1.06
N ASN B 28 14.23 12.28 -0.07
CA ASN B 28 13.01 12.19 -0.88
C ASN B 28 11.87 11.62 -0.05
N VAL B 29 10.72 12.28 -0.11
CA VAL B 29 9.55 11.87 0.64
C VAL B 29 8.46 11.32 -0.27
N GLU B 30 8.82 10.86 -1.46
CA GLU B 30 7.87 10.26 -2.37
C GLU B 30 7.88 8.75 -2.20
N TYR B 31 6.69 8.15 -2.26
CA TYR B 31 6.51 6.71 -2.07
C TYR B 31 5.62 6.21 -3.20
N TYR B 32 6.23 5.80 -4.30
CA TYR B 32 5.51 5.31 -5.48
C TYR B 32 4.68 6.43 -6.10
N GLY B 33 5.31 7.58 -6.34
CA GLY B 33 4.72 8.66 -7.07
C GLY B 33 3.82 9.59 -6.27
N THR B 34 3.64 9.32 -4.98
CA THR B 34 2.84 10.17 -4.11
C THR B 34 3.74 10.81 -3.05
N SER B 35 3.54 12.10 -2.82
CA SER B 35 4.34 12.86 -1.85
C SER B 35 3.66 12.78 -0.50
N LEU B 36 4.32 12.14 0.47
CA LEU B 36 3.78 12.00 1.82
C LEU B 36 4.11 13.27 2.60
N MET B 37 3.31 14.31 2.36
CA MET B 37 3.52 15.62 2.95
C MET B 37 2.20 16.14 3.49
N GLN B 38 2.27 16.86 4.61
CA GLN B 38 1.11 17.47 5.24
C GLN B 38 1.44 18.89 5.63
N TRP B 39 0.42 19.75 5.61
CA TRP B 39 0.55 21.14 6.04
C TRP B 39 -0.53 21.44 7.05
N TYR B 40 -0.13 22.02 8.19
CA TYR B 40 -1.02 22.39 9.27
C TYR B 40 -0.88 23.87 9.58
N GLN B 41 -1.93 24.45 10.17
CA GLN B 41 -1.95 25.84 10.57
C GLN B 41 -2.27 25.93 12.05
N GLN B 42 -1.48 26.71 12.79
CA GLN B 42 -1.63 26.86 14.23
C GLN B 42 -1.75 28.34 14.55
N LYS B 43 -2.92 28.76 15.03
CA LYS B 43 -3.11 30.10 15.53
C LYS B 43 -2.50 30.21 16.93
N PRO B 44 -2.21 31.42 17.39
CA PRO B 44 -1.61 31.57 18.73
C PRO B 44 -2.48 30.93 19.79
N GLY B 45 -1.83 30.21 20.72
CA GLY B 45 -2.54 29.60 21.82
C GLY B 45 -3.62 28.61 21.42
N GLN B 46 -3.49 28.00 20.25
CA GLN B 46 -4.47 27.05 19.75
C GLN B 46 -3.78 25.81 19.19
N PRO B 47 -4.46 24.67 19.18
CA PRO B 47 -3.87 23.48 18.59
C PRO B 47 -3.74 23.66 17.09
N PRO B 48 -2.73 23.04 16.46
CA PRO B 48 -2.60 23.13 15.00
C PRO B 48 -3.85 22.60 14.31
N LYS B 49 -4.20 23.24 13.20
CA LYS B 49 -5.36 22.87 12.40
C LYS B 49 -4.88 22.22 11.11
N PHE B 50 -5.46 21.07 10.78
CA PHE B 50 -5.06 20.32 9.60
C PHE B 50 -5.55 21.02 8.34
N LEU B 51 -4.63 21.24 7.39
CA LEU B 51 -4.94 21.95 6.15
C LEU B 51 -4.81 21.06 4.93
N ILE B 52 -3.66 20.45 4.70
CA ILE B 52 -3.38 19.76 3.45
C ILE B 52 -2.70 18.43 3.71
N TYR B 53 -3.02 17.42 2.90
CA TYR B 53 -2.33 16.14 2.89
C TYR B 53 -1.92 15.79 1.47
N GLY B 54 -0.82 15.05 1.36
CA GLY B 54 -0.33 14.64 0.07
C GLY B 54 0.39 15.72 -0.72
N ALA B 55 0.60 16.89 -0.13
CA ALA B 55 1.25 18.07 -0.70
C ALA B 55 0.35 18.80 -1.68
N SER B 56 -0.76 18.22 -2.14
CA SER B 56 -1.64 18.90 -3.09
C SER B 56 -3.12 18.77 -2.77
N ASN B 57 -3.53 17.87 -1.88
CA ASN B 57 -4.95 17.63 -1.62
C ASN B 57 -5.41 18.51 -0.46
N ILE B 58 -6.34 19.41 -0.75
CA ILE B 58 -6.88 20.32 0.26
C ILE B 58 -7.89 19.56 1.10
N GLU B 59 -7.74 19.63 2.42
CA GLU B 59 -8.66 18.95 3.32
C GLU B 59 -10.06 19.53 3.19
N SER B 60 -11.06 18.66 3.30
CA SER B 60 -12.45 19.11 3.20
C SER B 60 -12.74 20.16 4.28
N GLY B 61 -13.41 21.23 3.87
CA GLY B 61 -13.72 22.33 4.74
C GLY B 61 -12.71 23.46 4.72
N VAL B 62 -11.50 23.20 4.24
CA VAL B 62 -10.50 24.26 4.12
C VAL B 62 -10.88 25.17 2.95
N PRO B 63 -10.71 26.49 3.06
CA PRO B 63 -11.04 27.36 1.93
C PRO B 63 -10.18 27.04 0.72
N ALA B 64 -10.73 27.33 -0.46
CA ALA B 64 -10.03 27.05 -1.72
C ALA B 64 -8.80 27.92 -1.90
N ARG B 65 -8.60 28.95 -1.07
CA ARG B 65 -7.42 29.79 -1.21
C ARG B 65 -6.15 28.98 -1.08
N PHE B 66 -6.10 28.08 -0.10
CA PHE B 66 -4.89 27.29 0.14
C PHE B 66 -4.65 26.32 -1.02
N SER B 67 -3.39 26.14 -1.36
CA SER B 67 -3.00 25.19 -2.40
C SER B 67 -1.58 24.75 -2.16
N GLY B 68 -1.31 23.48 -2.48
CA GLY B 68 0.00 22.90 -2.28
C GLY B 68 0.60 22.48 -3.61
N SER B 69 1.94 22.45 -3.66
CA SER B 69 2.65 22.12 -4.88
C SER B 69 4.04 21.63 -4.52
N GLY B 70 4.72 21.07 -5.50
CA GLY B 70 6.07 20.58 -5.34
C GLY B 70 6.13 19.06 -5.39
N SER B 71 7.36 18.56 -5.39
CA SER B 71 7.63 17.14 -5.43
C SER B 71 9.08 16.92 -5.00
N GLY B 72 9.45 15.66 -4.82
CA GLY B 72 10.79 15.32 -4.40
C GLY B 72 11.10 15.79 -2.99
N THR B 73 12.09 16.68 -2.86
CA THR B 73 12.52 17.18 -1.55
C THR B 73 12.18 18.65 -1.37
N ASP B 74 11.36 19.22 -2.25
CA ASP B 74 11.00 20.64 -2.17
C ASP B 74 9.49 20.77 -2.34
N PHE B 75 8.85 21.48 -1.41
CA PHE B 75 7.41 21.68 -1.45
C PHE B 75 7.11 23.14 -1.08
N SER B 76 5.91 23.58 -1.46
CA SER B 76 5.50 24.95 -1.17
C SER B 76 4.00 24.98 -0.91
N LEU B 77 3.58 25.91 -0.07
CA LEU B 77 2.17 26.13 0.24
C LEU B 77 1.81 27.55 -0.19
N ASN B 78 0.74 27.70 -0.97
CA ASN B 78 0.39 28.96 -1.60
C ASN B 78 -1.00 29.39 -1.16
N ILE B 79 -1.11 30.65 -0.72
CA ILE B 79 -2.38 31.28 -0.42
C ILE B 79 -2.42 32.58 -1.21
N HIS B 80 -3.14 32.58 -2.33
CA HIS B 80 -3.08 33.75 -3.22
C HIS B 80 -3.91 34.89 -2.64
N PRO B 81 -5.21 34.72 -2.36
CA PRO B 81 -5.97 35.83 -1.74
C PRO B 81 -5.95 35.79 -0.22
N VAL B 82 -4.81 36.16 0.38
CA VAL B 82 -4.69 36.10 1.84
C VAL B 82 -5.57 37.15 2.47
N GLU B 83 -6.18 36.82 3.61
CA GLU B 83 -6.93 37.75 4.42
C GLU B 83 -6.44 37.65 5.87
N GLU B 84 -7.18 38.30 6.77
CA GLU B 84 -6.77 38.29 8.18
C GLU B 84 -6.95 36.91 8.82
N ASP B 85 -7.82 36.07 8.24
CA ASP B 85 -8.06 34.75 8.82
C ASP B 85 -6.79 33.92 8.79
N ASP B 86 -6.07 33.93 7.67
CA ASP B 86 -4.87 33.12 7.50
C ASP B 86 -3.65 33.86 8.06
N ILE B 87 -3.70 34.13 9.36
CA ILE B 87 -2.57 34.67 10.11
C ILE B 87 -2.27 33.68 11.23
N ALA B 88 -1.16 32.97 11.09
CA ALA B 88 -0.84 31.87 12.00
C ALA B 88 0.55 31.37 11.67
N MET B 89 0.96 30.29 12.34
CA MET B 89 2.20 29.60 12.02
C MET B 89 1.87 28.37 11.19
N TYR B 90 2.57 28.17 10.10
CA TYR B 90 2.32 27.07 9.18
C TYR B 90 3.43 26.03 9.31
N PHE B 91 3.04 24.78 9.54
CA PHE B 91 3.96 23.69 9.78
C PHE B 91 3.87 22.68 8.66
N CYS B 92 5.03 22.19 8.22
CA CYS B 92 5.12 21.13 7.21
C CYS B 92 5.59 19.85 7.89
N GLN B 93 4.88 18.75 7.63
CA GLN B 93 5.15 17.48 8.26
C GLN B 93 5.35 16.41 7.19
N GLN B 94 6.29 15.50 7.43
CA GLN B 94 6.55 14.39 6.53
C GLN B 94 6.14 13.09 7.20
N SER B 95 5.45 12.23 6.45
CA SER B 95 5.05 10.91 6.92
C SER B 95 5.77 9.81 6.14
N ARG B 96 6.99 10.10 5.67
CA ARG B 96 7.77 9.12 4.93
C ARG B 96 8.33 8.04 5.83
N LYS B 97 8.78 8.40 7.03
CA LYS B 97 9.39 7.47 7.96
C LYS B 97 8.67 7.55 9.31
N VAL B 98 8.82 6.49 10.10
CA VAL B 98 8.07 6.36 11.35
C VAL B 98 8.28 7.57 12.25
N PRO B 99 9.49 8.14 12.37
CA PRO B 99 9.58 9.30 13.27
C PRO B 99 9.07 10.57 12.57
N TYR B 100 7.75 10.72 12.55
CA TYR B 100 7.15 11.87 11.88
C TYR B 100 7.70 13.15 12.45
N THR B 101 8.15 14.05 11.57
CA THR B 101 8.81 15.28 11.96
C THR B 101 8.06 16.48 11.38
N PHE B 102 8.05 17.56 12.13
CA PHE B 102 7.44 18.81 11.71
C PHE B 102 8.53 19.84 11.43
N GLY B 103 8.22 20.76 10.54
CA GLY B 103 9.15 21.84 10.25
C GLY B 103 9.25 22.82 11.41
N SER B 104 10.27 23.67 11.33
CA SER B 104 10.46 24.67 12.38
C SER B 104 9.29 25.63 12.47
N GLY B 105 8.46 25.71 11.43
CA GLY B 105 7.29 26.57 11.45
C GLY B 105 7.59 27.94 10.89
N THR B 106 6.69 28.45 10.05
CA THR B 106 6.83 29.77 9.44
C THR B 106 5.71 30.66 9.95
N LYS B 107 6.07 31.79 10.53
CA LYS B 107 5.10 32.72 11.09
C LYS B 107 4.73 33.75 10.03
N LEU B 108 3.42 33.94 9.84
CA LEU B 108 2.89 34.88 8.87
C LEU B 108 2.23 36.04 9.62
N GLU B 109 2.67 37.26 9.33
CA GLU B 109 2.19 38.43 10.03
C GLU B 109 1.89 39.56 9.04
N ILE B 110 0.98 40.44 9.43
CA ILE B 110 0.57 41.57 8.61
C ILE B 110 1.31 42.82 9.08
N LYS B 111 1.64 43.69 8.13
CA LYS B 111 2.31 44.94 8.46
C LYS B 111 1.38 45.85 9.25
N GLY B 112 1.98 46.66 10.13
CA GLY B 112 1.24 47.62 10.92
C GLY B 112 0.75 47.12 12.26
N SER B 113 0.90 45.82 12.54
CA SER B 113 0.44 45.27 13.81
C SER B 113 1.41 45.62 14.93
N SER B 485 -21.93 16.28 20.66
CA SER B 485 -21.96 14.84 20.43
C SER B 485 -21.78 14.52 18.94
N GLY B 486 -21.87 15.54 18.10
CA GLY B 486 -21.71 15.37 16.67
C GLY B 486 -20.29 15.33 16.18
N GLU B 487 -19.31 15.43 17.09
CA GLU B 487 -17.90 15.42 16.73
C GLU B 487 -17.14 14.66 17.80
N VAL B 488 -15.82 14.63 17.66
CA VAL B 488 -14.94 13.99 18.62
C VAL B 488 -14.24 15.08 19.44
N GLN B 489 -14.31 14.97 20.76
CA GLN B 489 -13.72 15.94 21.67
C GLN B 489 -12.64 15.25 22.50
N LEU B 490 -11.47 15.86 22.55
CA LEU B 490 -10.34 15.36 23.32
C LEU B 490 -10.04 16.32 24.46
N GLN B 491 -9.69 15.75 25.62
CA GLN B 491 -9.35 16.54 26.80
C GLN B 491 -8.24 15.85 27.55
N GLU B 492 -7.14 16.56 27.77
CA GLU B 492 -5.97 16.01 28.43
C GLU B 492 -5.89 16.50 29.88
N SER B 493 -5.32 15.66 30.74
CA SER B 493 -5.16 15.99 32.15
C SER B 493 -3.81 15.48 32.63
N GLY B 494 -3.24 16.19 33.60
CA GLY B 494 -1.97 15.82 34.18
C GLY B 494 -1.41 16.92 35.05
N PRO B 495 -0.45 16.58 35.90
CA PRO B 495 0.14 17.59 36.78
C PRO B 495 0.86 18.66 35.97
N GLY B 496 0.79 19.90 36.47
CA GLY B 496 1.41 21.03 35.79
C GLY B 496 2.88 21.18 36.11
N LEU B 497 3.28 20.79 37.32
CA LEU B 497 4.65 20.94 37.79
C LEU B 497 5.16 19.59 38.28
N VAL B 498 6.35 19.21 37.82
CA VAL B 498 6.97 17.94 38.20
C VAL B 498 8.46 18.17 38.45
N LYS B 499 8.96 17.57 39.53
CA LYS B 499 10.38 17.65 39.82
C LYS B 499 11.16 16.76 38.84
N PRO B 500 12.41 17.10 38.54
CA PRO B 500 13.18 16.27 37.61
C PRO B 500 13.39 14.86 38.16
N SER B 501 13.45 13.89 37.25
CA SER B 501 13.68 12.48 37.51
C SER B 501 12.42 11.77 38.02
N GLN B 502 11.32 12.48 38.22
CA GLN B 502 10.09 11.82 38.62
C GLN B 502 9.38 11.20 37.41
N SER B 503 8.42 10.33 37.70
CA SER B 503 7.62 9.67 36.67
C SER B 503 6.34 10.45 36.47
N LEU B 504 5.95 10.64 35.21
CA LEU B 504 4.78 11.42 34.84
C LEU B 504 3.80 10.56 34.05
N SER B 505 2.52 10.90 34.17
CA SER B 505 1.48 10.16 33.45
C SER B 505 0.39 11.14 33.05
N LEU B 506 0.23 11.36 31.75
CA LEU B 506 -0.84 12.19 31.21
C LEU B 506 -1.96 11.30 30.68
N THR B 507 -3.19 11.80 30.80
CA THR B 507 -4.39 11.07 30.39
C THR B 507 -5.17 11.92 29.40
N CYS B 508 -5.52 11.34 28.25
CA CYS B 508 -6.39 11.98 27.28
C CYS B 508 -7.72 11.22 27.25
N SER B 509 -8.80 11.94 27.49
CA SER B 509 -10.14 11.35 27.57
C SER B 509 -10.93 11.74 26.33
N VAL B 510 -11.51 10.74 25.67
CA VAL B 510 -12.24 10.92 24.41
C VAL B 510 -13.73 10.83 24.71
N THR B 511 -14.49 11.78 24.19
CA THR B 511 -15.94 11.80 24.32
C THR B 511 -16.57 12.01 22.95
N GLY B 512 -17.77 11.43 22.78
CA GLY B 512 -18.44 11.47 21.49
C GLY B 512 -17.95 10.44 20.50
N TYR B 513 -16.99 9.61 20.88
CA TYR B 513 -16.44 8.60 19.98
C TYR B 513 -15.79 7.51 20.82
N SER B 514 -15.56 6.36 20.21
CA SER B 514 -14.93 5.23 20.86
C SER B 514 -13.52 5.05 20.30
N ILE B 515 -12.56 4.81 21.20
CA ILE B 515 -11.18 4.61 20.78
C ILE B 515 -10.95 3.22 20.20
N THR B 516 -12.00 2.40 20.09
CA THR B 516 -11.91 1.08 19.48
C THR B 516 -12.32 1.10 18.01
N SER B 517 -12.61 2.27 17.46
CA SER B 517 -12.97 2.41 16.06
C SER B 517 -11.76 2.90 15.26
N ASP B 518 -11.91 2.88 13.94
CA ASP B 518 -10.77 3.01 13.02
C ASP B 518 -10.25 4.45 13.03
N TYR B 519 -9.39 4.73 14.01
CA TYR B 519 -8.71 6.02 14.07
C TYR B 519 -7.46 5.88 14.92
N TYR B 520 -6.38 6.53 14.48
CA TYR B 520 -5.13 6.56 15.23
C TYR B 520 -5.21 7.64 16.31
N TRP B 521 -4.71 7.31 17.50
CA TRP B 521 -4.71 8.25 18.62
C TRP B 521 -3.25 8.54 18.98
N ASN B 522 -2.83 9.78 18.74
CA ASN B 522 -1.43 10.18 18.81
C ASN B 522 -1.21 11.13 19.97
N TRP B 523 0.00 11.12 20.50
CA TRP B 523 0.47 12.12 21.46
C TRP B 523 1.55 12.96 20.79
N ILE B 524 1.44 14.28 20.92
CA ILE B 524 2.41 15.20 20.36
C ILE B 524 2.77 16.22 21.43
N ARG B 525 3.95 16.82 21.31
CA ARG B 525 4.36 17.85 22.23
C ARG B 525 5.02 18.98 21.48
N GLN B 526 4.70 20.21 21.90
CA GLN B 526 5.26 21.43 21.31
C GLN B 526 6.14 22.08 22.37
N PHE B 527 7.43 22.21 22.06
CA PHE B 527 8.38 22.86 22.95
C PHE B 527 8.21 24.37 22.87
N PRO B 528 8.77 25.11 23.83
CA PRO B 528 8.86 26.56 23.65
C PRO B 528 9.64 26.87 22.37
N GLY B 529 9.14 27.86 21.63
CA GLY B 529 9.63 28.12 20.29
C GLY B 529 8.83 27.47 19.19
N ASN B 530 7.80 26.69 19.52
CA ASN B 530 6.88 26.12 18.56
C ASN B 530 7.51 25.04 17.70
N LYS B 531 8.37 24.20 18.29
CA LYS B 531 8.97 23.07 17.60
C LYS B 531 8.20 21.81 17.99
N LEU B 532 7.34 21.34 17.07
CA LEU B 532 6.51 20.19 17.35
C LEU B 532 7.33 18.90 17.32
N GLU B 533 6.81 17.88 18.00
CA GLU B 533 7.49 16.58 18.05
C GLU B 533 6.46 15.51 18.36
N TRP B 534 6.33 14.54 17.47
CA TRP B 534 5.35 13.46 17.65
C TRP B 534 5.92 12.38 18.54
N MET B 535 5.33 12.19 19.72
CA MET B 535 5.85 11.23 20.68
C MET B 535 5.56 9.79 20.25
N ALA B 536 4.28 9.44 20.15
CA ALA B 536 3.87 8.08 19.86
C ALA B 536 2.37 8.09 19.61
N TYR B 537 1.84 6.93 19.22
CA TYR B 537 0.41 6.79 18.98
C TYR B 537 0.02 5.34 19.23
N ILE B 538 -1.27 5.13 19.44
CA ILE B 538 -1.85 3.80 19.62
C ILE B 538 -3.05 3.67 18.69
N ARG B 539 -3.02 2.68 17.81
CA ARG B 539 -4.13 2.42 16.92
C ARG B 539 -5.25 1.71 17.66
N TYR B 540 -6.45 1.77 17.08
CA TYR B 540 -7.60 1.12 17.70
C TYR B 540 -7.41 -0.39 17.81
N ASP B 541 -6.58 -0.97 16.95
CA ASP B 541 -6.26 -2.39 17.06
C ASP B 541 -5.39 -2.71 18.26
N GLY B 542 -4.86 -1.69 18.94
CA GLY B 542 -3.91 -1.89 20.01
C GLY B 542 -2.46 -1.80 19.59
N THR B 543 -2.20 -1.84 18.28
CA THR B 543 -0.84 -1.66 17.79
C THR B 543 -0.38 -0.23 18.05
N SER B 544 0.84 -0.09 18.57
CA SER B 544 1.38 1.21 18.94
C SER B 544 2.72 1.42 18.26
N ASP B 545 2.99 2.68 17.91
CA ASP B 545 4.25 3.09 17.34
C ASP B 545 4.83 4.21 18.18
N TYR B 546 6.15 4.22 18.32
CA TYR B 546 6.85 5.18 19.16
C TYR B 546 7.92 5.88 18.36
N ASN B 547 8.28 7.07 18.82
CA ASN B 547 9.43 7.77 18.27
C ASN B 547 10.70 7.00 18.69
N PRO B 548 11.53 6.56 17.76
CA PRO B 548 12.69 5.76 18.17
C PRO B 548 13.57 6.44 19.19
N SER B 549 13.68 7.77 19.14
CA SER B 549 14.46 8.49 20.14
C SER B 549 13.86 8.30 21.53
N LEU B 550 12.53 8.35 21.63
CA LEU B 550 11.85 8.26 22.92
C LEU B 550 11.31 6.88 23.22
N LYS B 551 11.54 5.89 22.34
CA LYS B 551 10.96 4.57 22.54
C LYS B 551 11.36 3.98 23.89
N ASN B 552 12.56 4.29 24.37
CA ASN B 552 13.06 3.73 25.62
C ASN B 552 12.53 4.44 26.85
N ARG B 553 11.99 5.65 26.71
CA ARG B 553 11.59 6.45 27.86
C ARG B 553 10.09 6.53 28.08
N ILE B 554 9.29 6.49 27.02
CA ILE B 554 7.86 6.69 27.13
C ILE B 554 7.13 5.38 26.88
N SER B 555 5.88 5.33 27.30
CA SER B 555 5.01 4.18 27.09
C SER B 555 3.57 4.65 26.94
N ILE B 556 2.90 4.18 25.89
CA ILE B 556 1.52 4.57 25.60
C ILE B 556 0.62 3.37 25.87
N THR B 557 -0.44 3.59 26.65
CA THR B 557 -1.41 2.55 26.96
C THR B 557 -2.81 3.12 26.76
N ARG B 558 -3.82 2.24 26.79
CA ARG B 558 -5.19 2.67 26.63
C ARG B 558 -6.09 1.86 27.56
N ASP B 559 -7.27 2.42 27.83
CA ASP B 559 -8.30 1.78 28.65
C ASP B 559 -9.63 2.02 27.98
N THR B 560 -10.13 1.03 27.25
CA THR B 560 -11.36 1.20 26.48
C THR B 560 -12.58 1.36 27.36
N SER B 561 -12.55 0.81 28.58
CA SER B 561 -13.73 0.89 29.45
C SER B 561 -14.08 2.35 29.76
N LYS B 562 -13.08 3.16 30.09
CA LYS B 562 -13.30 4.58 30.35
C LYS B 562 -13.15 5.44 29.10
N ASN B 563 -12.78 4.86 27.96
CA ASN B 563 -12.57 5.61 26.73
C ASN B 563 -11.49 6.68 26.93
N GLN B 564 -10.34 6.23 27.42
CA GLN B 564 -9.19 7.09 27.66
C GLN B 564 -7.93 6.41 27.14
N PHE B 565 -6.87 7.19 26.98
CA PHE B 565 -5.55 6.62 26.75
C PHE B 565 -4.50 7.48 27.42
N PHE B 566 -3.46 6.82 27.94
CA PHE B 566 -2.48 7.43 28.81
C PHE B 566 -1.09 7.34 28.19
N LEU B 567 -0.28 8.36 28.47
CA LEU B 567 1.13 8.40 28.12
C LEU B 567 1.94 8.54 29.39
N LYS B 568 2.87 7.61 29.61
CA LYS B 568 3.70 7.60 30.81
C LYS B 568 5.14 7.85 30.42
N LEU B 569 5.76 8.83 31.08
CA LEU B 569 7.16 9.17 30.89
C LEU B 569 7.94 8.86 32.16
N ASN B 570 9.16 8.36 31.98
CA ASN B 570 10.02 7.95 33.08
C ASN B 570 11.24 8.85 33.15
N SER B 571 11.51 9.39 34.34
CA SER B 571 12.67 10.24 34.58
C SER B 571 12.64 11.46 33.66
N VAL B 572 11.61 12.29 33.84
CA VAL B 572 11.48 13.51 33.06
C VAL B 572 12.59 14.48 33.45
N ALA B 573 13.22 15.09 32.45
CA ALA B 573 14.28 16.05 32.64
C ALA B 573 13.77 17.46 32.33
N THR B 574 14.61 18.44 32.62
CA THR B 574 14.23 19.83 32.38
C THR B 574 13.91 20.08 30.92
N GLU B 575 14.52 19.31 30.02
CA GLU B 575 14.26 19.45 28.60
C GLU B 575 12.81 19.13 28.23
N ASP B 576 12.13 18.32 29.03
CA ASP B 576 10.80 17.82 28.68
C ASP B 576 9.71 18.88 28.80
N THR B 577 10.02 20.07 29.32
CA THR B 577 9.01 21.12 29.41
C THR B 577 8.43 21.41 28.03
N ALA B 578 7.11 21.34 27.92
CA ALA B 578 6.43 21.52 26.65
C ALA B 578 4.93 21.46 26.89
N THR B 579 4.17 21.73 25.83
CA THR B 579 2.71 21.61 25.86
C THR B 579 2.32 20.34 25.12
N TYR B 580 1.60 19.45 25.79
CA TYR B 580 1.28 18.14 25.25
C TYR B 580 -0.15 18.10 24.73
N TYR B 581 -0.31 17.72 23.47
CA TYR B 581 -1.60 17.54 22.83
C TYR B 581 -1.84 16.06 22.58
N CYS B 582 -3.10 15.65 22.65
CA CYS B 582 -3.54 14.34 22.21
C CYS B 582 -4.47 14.54 21.03
N ALA B 583 -4.18 13.86 19.92
CA ALA B 583 -4.85 14.11 18.66
C ALA B 583 -5.38 12.82 18.06
N ARG B 584 -6.37 12.96 17.19
CA ARG B 584 -6.92 11.86 16.42
C ARG B 584 -6.57 12.07 14.95
N ALA B 585 -6.04 11.03 14.33
CA ALA B 585 -5.54 11.08 12.97
C ALA B 585 -6.03 9.88 12.17
N TYR B 586 -6.12 10.06 10.86
CA TYR B 586 -6.44 8.98 9.94
C TYR B 586 -5.41 8.95 8.82
N TYR B 587 -4.98 7.75 8.45
CA TYR B 587 -3.92 7.58 7.46
C TYR B 587 -4.52 7.60 6.07
N TYR B 588 -4.10 8.57 5.26
CA TYR B 588 -4.47 8.63 3.85
C TYR B 588 -3.44 9.50 3.17
N ASP B 589 -2.61 8.91 2.31
CA ASP B 589 -1.45 9.59 1.75
C ASP B 589 -0.57 10.16 2.86
N GLY B 590 -0.42 9.40 3.94
CA GLY B 590 0.31 9.85 5.10
C GLY B 590 -0.61 10.06 6.29
N ILE B 591 -0.05 10.13 7.49
CA ILE B 591 -0.84 10.31 8.69
C ILE B 591 -1.24 11.78 8.80
N ASN B 592 -2.52 12.03 9.08
CA ASN B 592 -3.06 13.38 9.15
C ASN B 592 -3.74 13.57 10.51
N PHE B 593 -3.15 14.43 11.34
CA PHE B 593 -3.70 14.73 12.66
C PHE B 593 -4.89 15.68 12.50
N ASP B 594 -6.00 15.09 12.10
CA ASP B 594 -7.17 15.88 11.73
C ASP B 594 -7.80 16.57 12.94
N TYR B 595 -8.01 15.85 14.04
CA TYR B 595 -8.61 16.43 15.25
C TYR B 595 -7.55 16.56 16.32
N TRP B 596 -7.62 17.65 17.09
CA TRP B 596 -6.64 17.93 18.13
C TRP B 596 -7.33 18.27 19.43
N GLY B 597 -6.63 18.01 20.54
CA GLY B 597 -7.08 18.45 21.84
C GLY B 597 -6.68 19.88 22.13
N GLN B 598 -6.93 20.31 23.36
CA GLN B 598 -6.64 21.67 23.75
C GLN B 598 -5.23 21.86 24.28
N GLY B 599 -4.48 20.78 24.52
CA GLY B 599 -3.12 20.90 24.98
C GLY B 599 -3.03 21.15 26.48
N THR B 600 -2.10 20.47 27.14
CA THR B 600 -1.88 20.64 28.57
C THR B 600 -0.42 21.03 28.80
N THR B 601 -0.21 22.07 29.60
CA THR B 601 1.13 22.55 29.87
C THR B 601 1.81 21.68 30.92
N LEU B 602 3.10 21.44 30.71
CA LEU B 602 3.93 20.69 31.65
C LEU B 602 5.21 21.47 31.87
N THR B 603 5.55 21.70 33.14
CA THR B 603 6.76 22.44 33.51
C THR B 603 7.59 21.57 34.44
N VAL B 604 8.85 21.32 34.06
CA VAL B 604 9.77 20.54 34.86
C VAL B 604 10.78 21.51 35.46
N SER B 605 10.80 21.60 36.79
CA SER B 605 11.69 22.53 37.48
C SER B 605 12.07 21.96 38.82
N SER B 606 13.19 22.45 39.35
CA SER B 606 13.71 22.01 40.64
C SER B 606 13.20 22.85 41.80
N GLU B 607 12.33 23.83 41.53
CA GLU B 607 11.77 24.68 42.57
C GLU B 607 10.26 24.71 42.45
N ASN B 608 9.60 24.86 43.59
CA ASN B 608 8.14 24.93 43.63
C ASN B 608 7.69 26.32 43.24
N LEU B 609 6.94 26.43 42.15
CA LEU B 609 6.48 27.72 41.65
C LEU B 609 5.45 28.29 42.61
N TYR B 610 5.84 29.31 43.37
CA TYR B 610 4.95 29.97 44.31
C TYR B 610 5.11 31.49 44.16
N PHE B 611 3.98 32.19 44.21
CA PHE B 611 3.95 33.65 44.12
C PHE B 611 4.67 34.12 42.85
N GLN B 612 4.18 33.63 41.71
CA GLN B 612 4.74 33.99 40.41
C GLN B 612 3.88 33.45 39.28
PG ANP C . -2.19 -20.60 -16.94
O1G ANP C . -1.57 -20.56 -18.29
O2G ANP C . -1.11 -21.02 -15.88
O3G ANP C . -3.37 -21.65 -16.93
PB ANP C . -2.97 -18.94 -14.87
O1B ANP C . -3.16 -20.30 -14.28
O2B ANP C . -4.22 -18.06 -14.56
N3B ANP C . -2.80 -19.08 -16.53
PA ANP C . -0.65 -17.49 -15.07
O1A ANP C . 0.73 -17.77 -14.62
O2A ANP C . -0.89 -17.83 -16.55
O3A ANP C . -1.72 -18.28 -14.22
O5' ANP C . -0.96 -15.97 -14.78
C5' ANP C . -0.15 -15.21 -13.85
C4' ANP C . -0.33 -15.79 -12.48
O4' ANP C . 0.43 -15.01 -11.52
C3' ANP C . -1.77 -15.80 -11.95
O3' ANP C . -2.41 -17.04 -12.25
C2' ANP C . -1.59 -15.60 -10.45
O2' ANP C . -1.29 -16.82 -9.77
C1' ANP C . -0.38 -14.66 -10.41
N9 ANP C . -0.73 -13.25 -10.51
C8 ANP C . -0.58 -12.45 -11.61
N7 ANP C . -0.98 -11.21 -11.43
C5 ANP C . -1.43 -11.20 -10.11
C6 ANP C . -1.98 -10.19 -9.30
N6 ANP C . -2.18 -8.94 -9.71
N1 ANP C . -2.32 -10.51 -8.04
C2 ANP C . -2.11 -11.77 -7.62
N3 ANP C . -1.61 -12.81 -8.29
C4 ANP C . -1.28 -12.45 -9.54
HNB1 ANP C . -2.26 -18.43 -16.85
H5'1 ANP C . -0.45 -14.27 -13.86
H5'2 ANP C . 0.78 -15.26 -14.10
H4' ANP C . 0.03 -16.70 -12.43
H3' ANP C . -2.25 -15.07 -12.33
HO3' ANP C . -2.04 -17.69 -11.77
H2' ANP C . -2.35 -15.15 -10.07
HO2' ANP C . -0.41 -16.93 -9.72
H1' ANP C . 0.11 -14.83 -9.59
H8 ANP C . -0.22 -12.75 -12.44
HN61 ANP C . -2.94 -8.48 -9.45
HN62 ANP C . -1.56 -8.52 -10.25
H2 ANP C . -2.37 -11.95 -6.70
#